data_7QVD
#
_entry.id   7QVD
#
_cell.length_a   42.966
_cell.length_b   42.395
_cell.length_c   93.579
_cell.angle_alpha   90.000
_cell.angle_beta   95.646
_cell.angle_gamma   90.000
#
_symmetry.space_group_name_H-M   'P 1 21 1'
#
loop_
_entity.id
_entity.type
_entity.pdbx_description
1 polymer 'Lytic murein transglycosylase'
2 non-polymer 'CALCIUM ION'
3 water water
#
_entity_poly.entity_id   1
_entity_poly.type   'polypeptide(L)'
_entity_poly.pdbx_seq_one_letter_code
;QPDASSFPSCLAGLQKKAQAQGISADSYERFTSGLQADLSVLDLLDAQPEFTTPLWDYLAGLVDEQRVSDGKAMLAQHDK
LLDQVAARYGVDKYTVVAVWGVESDYGRIFGKRPLLTSLSTLSCYGRRQSFFQGEFLATLKLLQAGDIRDAGITGSWAGA
FGHTQFMPSTYARIAVDFDGDGRRDLVGSVPDALGSTANYLKKAGWRTGQPWGYEVKVPADFPASLAGRGKRQPLSAWVA
RGVRRVDGQPLPGGDEKAAILLPAGAQGPAFLVYRNYDAIYSYNAAESYALAIALLSDRLRGGSGLVASWPTDDPGISRL
ERKQLQKALLARGYDIGEADGLIGTSTRKAIQAEQKRLGLTPADGRAGRKILEALKGAQP
;
_entity_poly.pdbx_strand_id   AAA
#
# COMPACT_ATOMS: atom_id res chain seq x y z
N GLN A 1 23.69 10.12 -20.55
CA GLN A 1 22.71 10.60 -19.52
C GLN A 1 21.38 10.93 -20.20
N PRO A 2 20.24 10.91 -19.47
CA PRO A 2 18.98 11.41 -19.99
C PRO A 2 19.09 12.89 -20.37
N ASP A 3 18.46 13.28 -21.48
CA ASP A 3 18.45 14.68 -21.94
C ASP A 3 17.05 15.04 -22.47
N ALA A 4 16.48 16.16 -22.01
CA ALA A 4 15.10 16.59 -22.38
C ALA A 4 14.94 16.70 -23.92
N SER A 5 16.02 16.84 -24.69
CA SER A 5 15.92 17.12 -26.15
C SER A 5 15.39 15.88 -26.90
N SER A 6 15.47 14.69 -26.31
CA SER A 6 15.00 13.44 -26.97
C SER A 6 13.48 13.26 -26.82
N PHE A 7 12.84 14.01 -25.91
CA PHE A 7 11.44 13.76 -25.50
C PHE A 7 10.49 13.92 -26.69
N PRO A 8 10.55 15.00 -27.50
CA PRO A 8 9.59 15.13 -28.61
C PRO A 8 9.62 13.94 -29.58
N SER A 9 10.79 13.41 -29.99
CA SER A 9 10.86 12.25 -30.92
C SER A 9 10.27 11.01 -30.24
N CYS A 10 10.55 10.82 -28.96
CA CYS A 10 9.99 9.71 -28.16
C CYS A 10 8.46 9.80 -28.16
N LEU A 11 7.90 10.96 -27.84
CA LEU A 11 6.43 11.14 -27.81
C LEU A 11 5.84 10.92 -29.21
N ALA A 12 6.52 11.33 -30.27
CA ALA A 12 6.06 11.17 -31.66
C ALA A 12 6.08 9.68 -32.06
N GLY A 13 7.11 8.94 -31.66
CA GLY A 13 7.19 7.47 -31.82
C GLY A 13 6.02 6.78 -31.15
N LEU A 14 5.71 7.16 -29.92
CA LEU A 14 4.62 6.56 -29.12
C LEU A 14 3.26 6.88 -29.74
N GLN A 15 3.14 7.98 -30.46
CA GLN A 15 1.86 8.29 -31.15
C GLN A 15 1.57 7.17 -32.16
N LYS A 16 2.58 6.71 -32.88
CA LYS A 16 2.36 5.65 -33.91
C LYS A 16 1.99 4.34 -33.22
N LYS A 17 2.63 4.03 -32.07
CA LYS A 17 2.30 2.80 -31.34
C LYS A 17 0.87 2.91 -30.81
N ALA A 18 0.50 4.07 -30.26
CA ALA A 18 -0.85 4.34 -29.69
C ALA A 18 -1.90 4.14 -30.78
N GLN A 19 -1.67 4.72 -31.96
CA GLN A 19 -2.60 4.61 -33.13
C GLN A 19 -2.79 3.14 -33.50
N ALA A 20 -1.71 2.37 -33.47
CA ALA A 20 -1.71 0.94 -33.85
C ALA A 20 -2.57 0.17 -32.86
N GLN A 21 -2.72 0.66 -31.63
CA GLN A 21 -3.51 -0.01 -30.59
C GLN A 21 -4.90 0.62 -30.42
N GLY A 22 -5.34 1.48 -31.34
CA GLY A 22 -6.73 2.00 -31.35
C GLY A 22 -6.90 3.30 -30.57
N ILE A 23 -5.81 3.94 -30.18
CA ILE A 23 -5.87 5.33 -29.63
C ILE A 23 -5.81 6.28 -30.82
N SER A 24 -6.85 7.07 -31.00
CA SER A 24 -6.97 8.01 -32.14
C SER A 24 -5.93 9.13 -32.02
N ALA A 25 -5.53 9.69 -33.16
CA ALA A 25 -4.59 10.83 -33.19
C ALA A 25 -5.19 11.99 -32.38
N ASP A 26 -6.50 12.23 -32.52
CA ASP A 26 -7.24 13.29 -31.78
C ASP A 26 -7.02 13.06 -30.28
N SER A 27 -7.23 11.83 -29.80
CA SER A 27 -7.06 11.49 -28.36
C SER A 27 -5.60 11.76 -28.00
N TYR A 28 -4.68 11.26 -28.81
CA TYR A 28 -3.25 11.36 -28.46
C TYR A 28 -2.83 12.83 -28.37
N GLU A 29 -3.20 13.63 -29.36
CA GLU A 29 -2.90 15.09 -29.36
C GLU A 29 -3.54 15.74 -28.13
N ARG A 30 -4.80 15.45 -27.84
CA ARG A 30 -5.56 16.09 -26.75
C ARG A 30 -4.92 15.77 -25.39
N PHE A 31 -4.50 14.53 -25.19
CA PHE A 31 -4.08 14.08 -23.84
C PHE A 31 -2.59 14.31 -23.65
N THR A 32 -1.77 14.42 -24.70
CA THR A 32 -0.31 14.58 -24.58
C THR A 32 0.21 15.96 -24.93
N SER A 33 -0.64 16.87 -25.45
N SER A 33 -0.64 16.86 -25.44
CA SER A 33 -0.21 18.23 -25.85
CA SER A 33 -0.20 18.22 -25.86
C SER A 33 0.37 18.95 -24.63
C SER A 33 0.38 18.93 -24.63
N GLY A 34 1.58 19.49 -24.76
CA GLY A 34 2.25 20.21 -23.65
C GLY A 34 2.75 19.31 -22.54
N LEU A 35 2.79 17.97 -22.72
CA LEU A 35 3.60 17.11 -21.81
C LEU A 35 5.05 17.50 -21.95
N GLN A 36 5.75 17.58 -20.84
CA GLN A 36 7.20 17.82 -20.77
C GLN A 36 7.83 16.71 -19.93
N ALA A 37 9.03 16.27 -20.29
CA ALA A 37 9.85 15.31 -19.50
C ALA A 37 9.98 15.86 -18.09
N ASP A 38 9.69 15.07 -17.05
CA ASP A 38 10.10 15.42 -15.67
C ASP A 38 11.17 14.43 -15.23
N LEU A 39 12.44 14.76 -15.47
CA LEU A 39 13.55 13.83 -15.23
C LEU A 39 13.74 13.61 -13.73
N SER A 40 13.23 14.50 -12.88
CA SER A 40 13.24 14.32 -11.40
C SER A 40 12.57 12.99 -11.01
N VAL A 41 11.64 12.46 -11.82
CA VAL A 41 11.03 11.12 -11.51
C VAL A 41 12.12 10.03 -11.48
N LEU A 42 13.24 10.19 -12.20
CA LEU A 42 14.31 9.16 -12.22
C LEU A 42 15.10 9.16 -10.89
N ASP A 43 15.07 10.27 -10.14
CA ASP A 43 15.73 10.42 -8.80
C ASP A 43 15.13 9.42 -7.79
N LEU A 44 13.92 8.91 -8.06
CA LEU A 44 13.17 8.02 -7.13
C LEU A 44 13.40 6.56 -7.52
N LEU A 45 14.26 6.30 -8.50
CA LEU A 45 14.47 4.97 -9.12
C LEU A 45 15.93 4.54 -8.96
N ASP A 46 16.15 3.25 -8.68
CA ASP A 46 17.51 2.68 -8.46
C ASP A 46 18.25 3.64 -7.53
N ALA A 47 17.49 4.23 -6.60
CA ALA A 47 18.00 5.07 -5.50
C ALA A 47 18.25 4.14 -4.31
N GLN A 48 19.51 3.97 -3.92
CA GLN A 48 19.88 3.20 -2.72
C GLN A 48 19.42 3.98 -1.50
N PRO A 49 18.53 3.43 -0.65
CA PRO A 49 18.08 4.15 0.55
C PRO A 49 19.17 4.15 1.61
N GLU A 50 19.24 5.19 2.45
CA GLU A 50 20.25 5.26 3.54
C GLU A 50 19.66 4.72 4.84
N PHE A 51 18.33 4.63 4.93
CA PHE A 51 17.62 4.21 6.16
C PHE A 51 16.81 2.94 5.87
N THR A 52 16.77 2.05 6.87
CA THR A 52 15.91 0.84 6.87
C THR A 52 14.67 1.18 7.70
N THR A 53 13.49 0.85 7.18
CA THR A 53 12.20 1.00 7.87
C THR A 53 11.64 -0.37 8.22
N PRO A 54 11.58 -0.72 9.51
CA PRO A 54 11.04 -2.01 9.91
C PRO A 54 9.53 -2.13 9.72
N LEU A 55 9.10 -3.39 9.68
CA LEU A 55 7.67 -3.74 9.50
C LEU A 55 6.80 -2.97 10.49
N TRP A 56 7.22 -2.85 11.75
CA TRP A 56 6.34 -2.27 12.79
C TRP A 56 6.12 -0.77 12.54
N ASP A 57 7.06 -0.08 11.87
CA ASP A 57 6.83 1.33 11.44
C ASP A 57 5.76 1.40 10.36
N TYR A 58 5.82 0.53 9.35
CA TYR A 58 4.76 0.50 8.31
C TYR A 58 3.41 0.29 9.02
N LEU A 59 3.33 -0.70 9.90
CA LEU A 59 2.04 -1.07 10.56
C LEU A 59 1.56 0.07 11.46
N ALA A 60 2.45 0.79 12.14
CA ALA A 60 2.04 1.87 13.06
C ALA A 60 1.35 3.00 12.28
N GLY A 61 1.70 3.20 11.02
CA GLY A 61 1.09 4.25 10.20
C GLY A 61 -0.08 3.75 9.42
N LEU A 62 0.00 2.52 8.90
CA LEU A 62 -1.08 1.97 8.07
C LEU A 62 -2.22 1.50 8.97
N VAL A 63 -1.94 0.99 10.15
CA VAL A 63 -3.03 0.44 11.01
C VAL A 63 -3.09 1.32 12.28
N ASP A 64 -3.16 2.63 12.12
CA ASP A 64 -3.22 3.50 13.33
C ASP A 64 -4.68 3.64 13.78
N GLU A 65 -4.90 4.22 14.95
CA GLU A 65 -6.28 4.33 15.48
C GLU A 65 -7.14 5.16 14.53
N GLN A 66 -6.60 6.19 13.88
CA GLN A 66 -7.39 6.98 12.92
C GLN A 66 -7.82 6.12 11.72
N ARG A 67 -6.93 5.28 11.19
CA ARG A 67 -7.29 4.37 10.06
C ARG A 67 -8.46 3.48 10.50
N VAL A 68 -8.39 2.97 11.73
CA VAL A 68 -9.40 2.03 12.30
C VAL A 68 -10.74 2.78 12.46
N SER A 69 -10.72 3.95 13.08
CA SER A 69 -11.94 4.79 13.29
CA SER A 69 -11.97 4.72 13.30
CA SER A 69 -11.94 4.76 13.31
C SER A 69 -12.54 5.18 11.95
N ASP A 70 -11.68 5.59 11.02
CA ASP A 70 -12.14 6.02 9.66
C ASP A 70 -12.77 4.82 8.95
N GLY A 71 -12.16 3.64 9.07
CA GLY A 71 -12.67 2.41 8.45
C GLY A 71 -14.02 2.04 9.03
N LYS A 72 -14.20 2.16 10.35
CA LYS A 72 -15.51 1.82 10.98
C LYS A 72 -16.56 2.82 10.50
N ALA A 73 -16.21 4.09 10.31
CA ALA A 73 -17.11 5.13 9.74
C ALA A 73 -17.52 4.73 8.32
N MET A 74 -16.60 4.23 7.50
CA MET A 74 -16.91 3.85 6.10
C MET A 74 -17.81 2.61 6.07
N LEU A 75 -17.58 1.64 6.94
CA LEU A 75 -18.43 0.43 7.05
C LEU A 75 -19.87 0.84 7.41
N ALA A 76 -20.02 1.83 8.28
CA ALA A 76 -21.35 2.35 8.70
C ALA A 76 -22.01 3.05 7.51
N GLN A 77 -21.31 4.01 6.90
CA GLN A 77 -21.82 4.89 5.81
C GLN A 77 -22.17 4.03 4.58
N HIS A 78 -21.30 3.10 4.22
CA HIS A 78 -21.41 2.36 2.93
C HIS A 78 -21.96 0.95 3.18
N ASP A 79 -22.61 0.73 4.31
CA ASP A 79 -23.09 -0.62 4.72
C ASP A 79 -23.81 -1.34 3.57
N LYS A 80 -24.86 -0.74 2.99
CA LYS A 80 -25.69 -1.41 1.95
C LYS A 80 -24.87 -1.72 0.70
N LEU A 81 -24.11 -0.74 0.22
CA LEU A 81 -23.20 -0.93 -0.94
C LEU A 81 -22.26 -2.10 -0.66
N LEU A 82 -21.66 -2.15 0.53
CA LEU A 82 -20.66 -3.18 0.86
C LEU A 82 -21.30 -4.56 0.85
N ASP A 83 -22.54 -4.68 1.33
CA ASP A 83 -23.25 -5.98 1.28
C ASP A 83 -23.41 -6.39 -0.19
N GLN A 84 -23.76 -5.45 -1.06
CA GLN A 84 -23.93 -5.74 -2.50
C GLN A 84 -22.60 -6.17 -3.10
N VAL A 85 -21.51 -5.48 -2.74
CA VAL A 85 -20.16 -5.86 -3.24
C VAL A 85 -19.82 -7.30 -2.81
N ALA A 86 -20.03 -7.62 -1.54
CA ALA A 86 -19.76 -8.97 -1.00
C ALA A 86 -20.63 -9.98 -1.73
N ALA A 87 -21.88 -9.64 -2.02
CA ALA A 87 -22.83 -10.56 -2.69
C ALA A 87 -22.36 -10.79 -4.13
N ARG A 88 -21.86 -9.75 -4.79
CA ARG A 88 -21.48 -9.87 -6.23
C ARG A 88 -20.13 -10.55 -6.43
N TYR A 89 -19.13 -10.34 -5.55
CA TYR A 89 -17.76 -10.86 -5.80
C TYR A 89 -17.28 -11.90 -4.79
N GLY A 90 -18.03 -12.13 -3.71
CA GLY A 90 -17.65 -13.13 -2.71
C GLY A 90 -16.42 -12.73 -1.90
N VAL A 91 -16.23 -11.43 -1.62
CA VAL A 91 -15.18 -10.89 -0.72
C VAL A 91 -15.87 -10.09 0.38
N ASP A 92 -15.51 -10.36 1.63
CA ASP A 92 -16.20 -9.78 2.80
C ASP A 92 -15.88 -8.28 2.89
N LYS A 93 -16.80 -7.53 3.47
CA LYS A 93 -16.74 -6.06 3.52
C LYS A 93 -15.55 -5.57 4.36
N TYR A 94 -15.10 -6.33 5.38
CA TYR A 94 -14.00 -5.91 6.27
C TYR A 94 -12.71 -5.91 5.47
N THR A 95 -12.53 -6.94 4.65
CA THR A 95 -11.37 -7.06 3.75
C THR A 95 -11.39 -5.92 2.74
N VAL A 96 -12.54 -5.69 2.09
CA VAL A 96 -12.65 -4.63 1.06
C VAL A 96 -12.34 -3.26 1.67
N VAL A 97 -12.94 -2.94 2.83
CA VAL A 97 -12.69 -1.60 3.46
C VAL A 97 -11.24 -1.54 3.95
N ALA A 98 -10.64 -2.65 4.37
CA ALA A 98 -9.24 -2.65 4.85
C ALA A 98 -8.32 -2.29 3.68
N VAL A 99 -8.56 -2.88 2.51
CA VAL A 99 -7.73 -2.58 1.33
C VAL A 99 -7.90 -1.09 1.00
N TRP A 100 -9.14 -0.59 0.99
CA TRP A 100 -9.41 0.82 0.63
C TRP A 100 -8.67 1.76 1.59
N GLY A 101 -8.66 1.42 2.88
CA GLY A 101 -7.96 2.23 3.90
C GLY A 101 -6.47 2.23 3.69
N VAL A 102 -5.87 1.06 3.50
CA VAL A 102 -4.40 0.95 3.40
C VAL A 102 -3.92 1.59 2.10
N GLU A 103 -4.65 1.37 1.00
CA GLU A 103 -4.14 1.77 -0.35
C GLU A 103 -4.25 3.29 -0.50
N SER A 104 -5.37 3.91 -0.12
CA SER A 104 -5.63 5.32 -0.45
C SER A 104 -6.18 6.12 0.71
N ASP A 105 -6.23 5.54 1.91
CA ASP A 105 -6.86 6.19 3.08
C ASP A 105 -8.31 6.54 2.66
N TYR A 106 -9.03 5.56 2.12
CA TYR A 106 -10.47 5.70 1.80
C TYR A 106 -10.61 6.83 0.78
N GLY A 107 -9.66 6.92 -0.16
CA GLY A 107 -9.79 7.82 -1.31
C GLY A 107 -9.33 9.24 -1.01
N ARG A 108 -8.47 9.44 -0.02
CA ARG A 108 -8.07 10.81 0.41
C ARG A 108 -6.60 11.05 0.15
N ILE A 109 -5.85 10.03 -0.29
CA ILE A 109 -4.37 10.07 -0.55
C ILE A 109 -4.05 11.12 -1.63
N PHE A 110 -3.17 12.07 -1.26
CA PHE A 110 -2.52 13.02 -2.19
C PHE A 110 -1.64 12.25 -3.19
N GLY A 111 -1.96 12.34 -4.48
CA GLY A 111 -1.08 11.96 -5.58
C GLY A 111 -0.08 13.08 -5.82
N LYS A 112 1.22 12.81 -5.67
CA LYS A 112 2.27 13.85 -5.73
C LYS A 112 2.42 14.31 -7.18
N ARG A 113 2.36 13.39 -8.15
CA ARG A 113 2.85 13.63 -9.53
C ARG A 113 1.77 13.31 -10.57
N PRO A 114 1.62 14.16 -11.62
CA PRO A 114 0.69 13.87 -12.71
C PRO A 114 1.05 12.54 -13.39
N LEU A 115 0.08 11.63 -13.45
CA LEU A 115 0.21 10.32 -14.10
C LEU A 115 0.87 10.42 -15.46
N LEU A 116 0.37 11.27 -16.37
CA LEU A 116 0.80 11.25 -17.79
C LEU A 116 2.24 11.79 -17.89
N THR A 117 2.64 12.71 -17.00
CA THR A 117 4.04 13.18 -16.91
C THR A 117 4.96 12.03 -16.44
N SER A 118 4.66 11.38 -15.33
CA SER A 118 5.50 10.26 -14.83
C SER A 118 5.65 9.17 -15.91
N LEU A 119 4.52 8.71 -16.44
CA LEU A 119 4.49 7.53 -17.34
C LEU A 119 5.13 7.88 -18.68
N SER A 120 4.89 9.06 -19.26
CA SER A 120 5.59 9.47 -20.51
C SER A 120 7.08 9.60 -20.26
N THR A 121 7.50 10.19 -19.16
CA THR A 121 8.95 10.29 -18.84
C THR A 121 9.54 8.89 -18.73
N LEU A 122 8.86 7.98 -18.05
CA LEU A 122 9.43 6.62 -17.79
C LEU A 122 9.32 5.77 -19.05
N SER A 123 8.54 6.18 -20.03
CA SER A 123 8.38 5.53 -21.35
C SER A 123 9.58 5.90 -22.24
N CYS A 124 10.27 6.98 -21.91
CA CYS A 124 11.26 7.64 -22.82
C CYS A 124 12.66 7.64 -22.24
N TYR A 125 12.79 7.39 -20.94
CA TYR A 125 14.09 7.47 -20.22
C TYR A 125 14.19 6.33 -19.21
N GLY A 126 15.43 5.92 -18.91
CA GLY A 126 15.72 4.93 -17.85
C GLY A 126 15.62 3.50 -18.36
N ARG A 127 15.62 2.53 -17.43
CA ARG A 127 15.88 1.11 -17.82
C ARG A 127 14.57 0.31 -17.89
N ARG A 128 13.42 0.93 -17.70
CA ARG A 128 12.12 0.20 -17.76
C ARG A 128 11.17 0.85 -18.79
N GLN A 129 11.70 1.27 -19.94
CA GLN A 129 10.88 2.00 -20.95
C GLN A 129 9.76 1.12 -21.49
N SER A 130 10.03 -0.15 -21.79
CA SER A 130 9.00 -1.03 -22.39
CA SER A 130 9.01 -1.06 -22.37
C SER A 130 7.84 -1.22 -21.39
N PHE A 131 8.15 -1.42 -20.12
CA PHE A 131 7.11 -1.64 -19.09
C PHE A 131 6.22 -0.39 -19.03
N PHE A 132 6.85 0.76 -18.86
CA PHE A 132 6.08 2.02 -18.63
C PHE A 132 5.34 2.44 -19.91
N GLN A 133 5.84 2.11 -21.10
CA GLN A 133 5.11 2.40 -22.36
C GLN A 133 3.75 1.70 -22.30
N GLY A 134 3.72 0.48 -21.77
CA GLY A 134 2.46 -0.29 -21.66
C GLY A 134 1.50 0.42 -20.72
N GLU A 135 2.03 0.95 -19.63
CA GLU A 135 1.22 1.67 -18.64
C GLU A 135 0.74 3.00 -19.26
N PHE A 136 1.64 3.73 -19.92
CA PHE A 136 1.28 5.00 -20.59
C PHE A 136 0.14 4.75 -21.59
N LEU A 137 0.26 3.76 -22.45
CA LEU A 137 -0.74 3.48 -23.50
C LEU A 137 -2.04 3.00 -22.84
N ALA A 138 -1.98 2.24 -21.76
CA ALA A 138 -3.21 1.80 -21.04
C ALA A 138 -3.94 3.03 -20.51
N THR A 139 -3.21 4.02 -20.01
CA THR A 139 -3.81 5.27 -19.47
C THR A 139 -4.54 6.02 -20.61
N LEU A 140 -3.90 6.16 -21.76
CA LEU A 140 -4.53 6.86 -22.90
C LEU A 140 -5.79 6.12 -23.36
N LYS A 141 -5.81 4.79 -23.33
CA LYS A 141 -7.03 4.03 -23.72
C LYS A 141 -8.14 4.28 -22.70
N LEU A 142 -7.80 4.37 -21.41
CA LEU A 142 -8.82 4.63 -20.37
C LEU A 142 -9.41 6.04 -20.53
N LEU A 143 -8.56 7.00 -20.87
CA LEU A 143 -8.99 8.39 -21.14
C LEU A 143 -9.88 8.43 -22.39
N GLN A 144 -9.48 7.76 -23.47
CA GLN A 144 -10.27 7.74 -24.71
C GLN A 144 -11.64 7.12 -24.40
N ALA A 145 -11.69 6.08 -23.57
CA ALA A 145 -12.94 5.35 -23.22
C ALA A 145 -13.84 6.20 -22.32
N GLY A 146 -13.30 7.22 -21.69
CA GLY A 146 -14.01 8.04 -20.70
C GLY A 146 -14.13 7.33 -19.36
N ASP A 147 -13.36 6.28 -19.10
CA ASP A 147 -13.30 5.65 -17.75
C ASP A 147 -12.61 6.66 -16.82
N ILE A 148 -11.49 7.20 -17.26
CA ILE A 148 -10.79 8.38 -16.69
C ILE A 148 -11.17 9.60 -17.51
N ARG A 149 -11.45 10.75 -16.91
CA ARG A 149 -11.82 11.93 -17.73
C ARG A 149 -10.95 13.13 -17.39
N ASP A 150 -9.95 12.94 -16.55
CA ASP A 150 -9.07 14.02 -16.08
C ASP A 150 -7.66 13.69 -16.57
N ALA A 151 -7.22 14.32 -17.66
CA ALA A 151 -5.87 14.07 -18.21
C ALA A 151 -4.80 14.54 -17.20
N GLY A 152 -5.15 15.40 -16.24
CA GLY A 152 -4.21 15.88 -15.20
C GLY A 152 -4.23 15.04 -13.94
N ILE A 153 -4.87 13.86 -13.98
CA ILE A 153 -4.96 12.93 -12.81
C ILE A 153 -3.56 12.73 -12.20
N THR A 154 -3.48 12.67 -10.88
CA THR A 154 -2.21 12.49 -10.14
C THR A 154 -2.15 11.08 -9.58
N GLY A 155 -0.94 10.65 -9.26
CA GLY A 155 -0.73 9.33 -8.65
C GLY A 155 0.68 9.14 -8.21
N SER A 156 1.05 7.90 -7.90
CA SER A 156 2.43 7.53 -7.48
C SER A 156 3.35 7.78 -8.68
N TRP A 157 4.66 7.79 -8.47
CA TRP A 157 5.66 7.91 -9.57
C TRP A 157 5.50 6.76 -10.57
N ALA A 158 5.14 5.57 -10.10
CA ALA A 158 5.02 4.32 -10.88
C ALA A 158 3.64 4.19 -11.56
N GLY A 159 2.72 5.10 -11.27
CA GLY A 159 1.44 5.20 -11.99
C GLY A 159 0.29 4.57 -11.24
N ALA A 160 0.41 4.34 -9.94
CA ALA A 160 -0.74 3.89 -9.11
C ALA A 160 -1.59 5.13 -8.82
N PHE A 161 -2.90 4.99 -8.92
CA PHE A 161 -3.81 6.15 -8.76
C PHE A 161 -5.20 5.70 -8.32
N GLY A 162 -6.00 6.71 -7.92
CA GLY A 162 -7.42 6.57 -7.53
C GLY A 162 -7.62 5.85 -6.23
N HIS A 163 -8.87 5.49 -5.96
CA HIS A 163 -9.29 4.89 -4.67
C HIS A 163 -8.53 3.58 -4.44
N THR A 164 -8.20 2.86 -5.52
CA THR A 164 -7.66 1.48 -5.45
C THR A 164 -6.13 1.47 -5.55
N GLN A 165 -5.51 2.56 -6.00
CA GLN A 165 -4.04 2.58 -6.27
C GLN A 165 -3.68 1.43 -7.22
N PHE A 166 -4.53 1.21 -8.22
CA PHE A 166 -4.22 0.33 -9.37
C PHE A 166 -3.22 1.06 -10.27
N MET A 167 -2.35 0.30 -10.89
CA MET A 167 -1.64 0.83 -12.07
C MET A 167 -2.57 0.71 -13.28
N PRO A 168 -2.33 1.51 -14.34
CA PRO A 168 -3.26 1.58 -15.47
C PRO A 168 -3.59 0.20 -16.07
N SER A 169 -2.61 -0.70 -16.22
CA SER A 169 -2.85 -2.03 -16.86
C SER A 169 -3.77 -2.87 -15.94
N THR A 170 -3.60 -2.76 -14.63
CA THR A 170 -4.50 -3.42 -13.68
C THR A 170 -5.91 -2.84 -13.82
N TYR A 171 -6.02 -1.52 -13.86
CA TYR A 171 -7.30 -0.80 -14.04
C TYR A 171 -8.01 -1.38 -15.27
N ALA A 172 -7.32 -1.47 -16.39
CA ALA A 172 -7.91 -1.98 -17.65
C ALA A 172 -8.46 -3.40 -17.46
N ARG A 173 -7.71 -4.26 -16.76
CA ARG A 173 -8.00 -5.71 -16.64
C ARG A 173 -9.12 -5.94 -15.61
N ILE A 174 -9.09 -5.21 -14.47
CA ILE A 174 -9.81 -5.57 -13.23
C ILE A 174 -10.93 -4.59 -12.93
N ALA A 175 -10.84 -3.33 -13.36
CA ALA A 175 -11.85 -2.33 -12.96
C ALA A 175 -13.24 -2.84 -13.41
N VAL A 176 -14.24 -2.60 -12.58
CA VAL A 176 -15.67 -2.89 -12.87
C VAL A 176 -16.51 -1.63 -12.79
N ASP A 177 -17.61 -1.67 -13.55
CA ASP A 177 -18.67 -0.64 -13.49
C ASP A 177 -19.75 -1.14 -12.54
N PHE A 178 -19.59 -0.90 -11.24
CA PHE A 178 -20.46 -1.55 -10.24
C PHE A 178 -21.88 -0.97 -10.34
N ASP A 179 -21.95 0.36 -10.53
CA ASP A 179 -23.22 1.11 -10.44
C ASP A 179 -23.94 1.09 -11.80
N GLY A 180 -23.30 0.63 -12.87
CA GLY A 180 -23.98 0.32 -14.15
C GLY A 180 -24.22 1.57 -15.00
N ASP A 181 -23.45 2.65 -14.81
CA ASP A 181 -23.62 3.91 -15.59
C ASP A 181 -22.78 3.88 -16.87
N GLY A 182 -22.13 2.75 -17.18
CA GLY A 182 -21.35 2.53 -18.41
C GLY A 182 -19.91 3.01 -18.23
N ARG A 183 -19.57 3.45 -17.02
CA ARG A 183 -18.23 4.03 -16.75
C ARG A 183 -17.54 3.24 -15.65
N ARG A 184 -16.27 2.89 -15.82
CA ARG A 184 -15.43 2.26 -14.76
C ARG A 184 -14.59 3.39 -14.16
N ASP A 185 -15.09 4.02 -13.11
CA ASP A 185 -14.57 5.29 -12.55
C ASP A 185 -14.00 5.02 -11.16
N LEU A 186 -12.73 4.67 -11.06
CA LEU A 186 -12.10 4.31 -9.76
C LEU A 186 -11.53 5.56 -9.09
N VAL A 187 -11.86 6.74 -9.61
CA VAL A 187 -11.46 8.06 -9.03
C VAL A 187 -12.67 8.66 -8.31
N GLY A 188 -13.86 8.64 -8.91
CA GLY A 188 -15.02 9.38 -8.42
C GLY A 188 -16.16 8.49 -7.97
N SER A 189 -16.11 7.19 -8.23
CA SER A 189 -17.23 6.28 -7.90
C SER A 189 -16.81 5.34 -6.77
N VAL A 190 -17.34 5.53 -5.57
CA VAL A 190 -17.10 4.59 -4.46
C VAL A 190 -17.63 3.20 -4.86
N PRO A 191 -18.82 3.04 -5.47
CA PRO A 191 -19.25 1.71 -5.93
C PRO A 191 -18.24 1.06 -6.87
N ASP A 192 -17.80 1.76 -7.90
CA ASP A 192 -16.84 1.16 -8.86
C ASP A 192 -15.54 0.80 -8.12
N ALA A 193 -15.07 1.68 -7.24
CA ALA A 193 -13.81 1.45 -6.47
C ALA A 193 -13.93 0.20 -5.60
N LEU A 194 -15.00 0.07 -4.81
CA LEU A 194 -15.12 -1.08 -3.88
C LEU A 194 -15.35 -2.36 -4.68
N GLY A 195 -16.16 -2.29 -5.74
CA GLY A 195 -16.38 -3.46 -6.62
C GLY A 195 -15.10 -3.91 -7.29
N SER A 196 -14.24 -2.97 -7.71
CA SER A 196 -12.96 -3.28 -8.37
C SER A 196 -11.95 -3.90 -7.37
N THR A 197 -11.93 -3.43 -6.14
CA THR A 197 -11.11 -3.98 -5.04
C THR A 197 -11.50 -5.46 -4.85
N ALA A 198 -12.80 -5.71 -4.74
CA ALA A 198 -13.33 -7.07 -4.55
C ALA A 198 -12.97 -7.95 -5.75
N ASN A 199 -13.18 -7.44 -6.95
CA ASN A 199 -12.89 -8.17 -8.21
C ASN A 199 -11.40 -8.49 -8.29
N TYR A 200 -10.53 -7.56 -7.89
CA TYR A 200 -9.08 -7.83 -7.85
C TYR A 200 -8.78 -9.07 -6.97
N LEU A 201 -9.36 -9.10 -5.79
CA LEU A 201 -9.07 -10.20 -4.83
C LEU A 201 -9.66 -11.49 -5.37
N LYS A 202 -10.84 -11.46 -5.99
CA LYS A 202 -11.48 -12.66 -6.59
C LYS A 202 -10.56 -13.22 -7.68
N LYS A 203 -10.07 -12.35 -8.56
CA LYS A 203 -9.18 -12.73 -9.68
C LYS A 203 -7.83 -13.24 -9.16
N ALA A 204 -7.37 -12.80 -7.99
CA ALA A 204 -6.09 -13.22 -7.36
C ALA A 204 -6.23 -14.52 -6.56
N GLY A 205 -7.41 -15.13 -6.53
CA GLY A 205 -7.65 -16.46 -5.93
C GLY A 205 -8.43 -16.43 -4.62
N TRP A 206 -9.07 -15.33 -4.24
CA TRP A 206 -9.77 -15.24 -2.94
C TRP A 206 -10.80 -16.37 -2.86
N ARG A 207 -10.79 -17.13 -1.78
CA ARG A 207 -11.80 -18.18 -1.48
C ARG A 207 -12.85 -17.60 -0.54
N THR A 208 -14.08 -17.48 -1.00
CA THR A 208 -15.19 -16.89 -0.21
C THR A 208 -15.33 -17.63 1.12
N GLY A 209 -15.46 -16.91 2.22
CA GLY A 209 -15.71 -17.49 3.56
C GLY A 209 -14.45 -17.95 4.28
N GLN A 210 -13.28 -18.01 3.63
CA GLN A 210 -12.03 -18.47 4.27
C GLN A 210 -11.30 -17.26 4.86
N PRO A 211 -10.55 -17.43 5.97
CA PRO A 211 -9.84 -16.33 6.60
C PRO A 211 -8.53 -16.08 5.84
N TRP A 212 -7.98 -14.87 5.97
CA TRP A 212 -6.60 -14.59 5.49
C TRP A 212 -5.63 -15.49 6.26
N GLY A 213 -5.98 -15.78 7.50
CA GLY A 213 -5.08 -16.34 8.52
C GLY A 213 -5.32 -15.65 9.85
N TYR A 214 -4.40 -15.78 10.78
CA TYR A 214 -4.51 -15.10 12.08
C TYR A 214 -3.18 -15.12 12.80
N GLU A 215 -3.09 -14.27 13.82
CA GLU A 215 -1.98 -14.29 14.77
C GLU A 215 -2.03 -15.63 15.53
N VAL A 216 -0.88 -16.24 15.70
CA VAL A 216 -0.72 -17.50 16.47
C VAL A 216 0.38 -17.31 17.52
N LYS A 217 0.45 -18.28 18.43
CA LYS A 217 1.55 -18.40 19.41
C LYS A 217 2.30 -19.67 19.02
N VAL A 218 3.61 -19.60 18.88
CA VAL A 218 4.44 -20.81 18.63
C VAL A 218 5.22 -21.08 19.92
N PRO A 219 5.55 -22.36 20.18
CA PRO A 219 6.34 -22.73 21.35
C PRO A 219 7.73 -22.10 21.36
N ALA A 220 8.33 -22.01 22.55
CA ALA A 220 9.63 -21.35 22.77
C ALA A 220 10.66 -21.86 21.76
N ASP A 221 10.69 -23.18 21.52
CA ASP A 221 11.75 -23.83 20.71
C ASP A 221 11.30 -24.00 19.26
N PHE A 222 10.26 -23.28 18.81
CA PHE A 222 9.79 -23.37 17.41
C PHE A 222 10.94 -22.97 16.49
N PRO A 223 11.31 -23.80 15.48
CA PRO A 223 12.41 -23.47 14.58
C PRO A 223 12.02 -22.39 13.55
N ALA A 224 12.69 -21.24 13.63
CA ALA A 224 12.44 -20.05 12.78
C ALA A 224 12.66 -20.38 11.31
N SER A 225 13.47 -21.40 11.02
CA SER A 225 13.79 -21.87 9.63
C SER A 225 12.53 -22.37 8.91
N LEU A 226 11.47 -22.76 9.60
CA LEU A 226 10.25 -23.29 8.93
C LEU A 226 9.33 -22.18 8.43
N ALA A 227 9.58 -20.97 8.88
CA ALA A 227 8.69 -19.81 8.59
C ALA A 227 9.00 -19.27 7.18
N GLY A 228 8.00 -18.69 6.55
CA GLY A 228 8.13 -17.98 5.27
C GLY A 228 6.89 -18.17 4.41
N ARG A 229 6.50 -17.10 3.73
CA ARG A 229 5.32 -17.08 2.83
C ARG A 229 5.38 -18.29 1.86
N GLY A 230 6.56 -18.64 1.37
CA GLY A 230 6.74 -19.73 0.39
C GLY A 230 6.71 -21.15 0.96
N LYS A 231 6.73 -21.32 2.29
CA LYS A 231 7.00 -22.64 2.93
C LYS A 231 5.71 -23.22 3.56
N ARG A 232 4.72 -23.57 2.74
CA ARG A 232 3.42 -24.05 3.27
C ARG A 232 3.53 -25.51 3.71
N GLN A 233 2.80 -25.84 4.77
CA GLN A 233 2.65 -27.20 5.34
C GLN A 233 1.19 -27.43 5.60
N PRO A 234 0.70 -28.68 5.63
CA PRO A 234 -0.68 -28.94 6.07
C PRO A 234 -0.88 -28.49 7.51
N LEU A 235 -2.08 -28.04 7.83
CA LEU A 235 -2.39 -27.53 9.19
C LEU A 235 -2.03 -28.56 10.25
N SER A 236 -2.22 -29.85 9.96
CA SER A 236 -1.93 -30.95 10.91
C SER A 236 -0.47 -30.86 11.40
N ALA A 237 0.46 -30.45 10.54
CA ALA A 237 1.89 -30.34 10.87
C ALA A 237 2.09 -29.18 11.87
N TRP A 238 1.40 -28.06 11.66
CA TRP A 238 1.48 -26.91 12.60
C TRP A 238 0.87 -27.30 13.96
N VAL A 239 -0.24 -28.03 13.97
CA VAL A 239 -0.88 -28.50 15.22
C VAL A 239 0.12 -29.40 15.97
N ALA A 240 0.73 -30.33 15.24
CA ALA A 240 1.72 -31.30 15.80
C ALA A 240 2.88 -30.52 16.43
N ARG A 241 3.25 -29.38 15.83
CA ARG A 241 4.37 -28.52 16.32
C ARG A 241 3.92 -27.57 17.44
N GLY A 242 2.69 -27.70 17.93
CA GLY A 242 2.25 -26.92 19.12
C GLY A 242 1.89 -25.49 18.77
N VAL A 243 1.65 -25.19 17.50
CA VAL A 243 1.12 -23.85 17.10
C VAL A 243 -0.34 -23.76 17.53
N ARG A 244 -0.73 -22.63 18.12
CA ARG A 244 -2.10 -22.41 18.63
C ARG A 244 -2.54 -20.99 18.27
N ARG A 245 -3.84 -20.75 18.25
CA ARG A 245 -4.41 -19.39 18.16
C ARG A 245 -3.89 -18.59 19.35
N VAL A 246 -3.78 -17.27 19.25
CA VAL A 246 -3.15 -16.47 20.35
C VAL A 246 -3.99 -16.51 21.62
N ASP A 247 -5.25 -16.93 21.58
CA ASP A 247 -6.08 -17.09 22.82
C ASP A 247 -6.04 -18.55 23.33
N GLY A 248 -5.11 -19.37 22.81
CA GLY A 248 -4.85 -20.75 23.27
C GLY A 248 -5.72 -21.80 22.58
N GLN A 249 -6.70 -21.37 21.80
CA GLN A 249 -7.59 -22.29 21.05
C GLN A 249 -6.73 -23.05 20.03
N PRO A 250 -7.02 -24.34 19.78
CA PRO A 250 -6.33 -25.09 18.74
C PRO A 250 -6.67 -24.61 17.31
N LEU A 251 -5.79 -24.92 16.37
CA LEU A 251 -6.06 -24.69 14.93
C LEU A 251 -7.06 -25.75 14.46
N PRO A 252 -7.68 -25.58 13.27
CA PRO A 252 -8.54 -26.62 12.70
C PRO A 252 -7.90 -27.99 12.43
N GLY A 253 -6.60 -28.01 12.11
CA GLY A 253 -5.89 -29.20 11.60
C GLY A 253 -6.45 -29.67 10.26
N GLY A 254 -6.25 -30.95 9.93
CA GLY A 254 -6.50 -31.47 8.58
C GLY A 254 -5.41 -31.03 7.62
N ASP A 255 -5.76 -30.89 6.35
CA ASP A 255 -4.83 -31.00 5.19
C ASP A 255 -4.63 -29.64 4.51
N GLU A 256 -5.39 -28.60 4.89
CA GLU A 256 -5.26 -27.27 4.24
C GLU A 256 -3.82 -26.76 4.41
N LYS A 257 -3.24 -26.26 3.33
CA LYS A 257 -1.85 -25.73 3.32
C LYS A 257 -1.87 -24.37 4.01
N ALA A 258 -0.90 -24.10 4.85
CA ALA A 258 -0.72 -22.75 5.43
C ALA A 258 0.75 -22.53 5.69
N ALA A 259 1.15 -21.27 5.75
CA ALA A 259 2.52 -20.87 6.07
C ALA A 259 2.48 -20.16 7.43
N ILE A 260 3.59 -20.21 8.12
CA ILE A 260 3.85 -19.39 9.33
C ILE A 260 4.76 -18.25 8.90
N LEU A 261 4.39 -17.02 9.27
CA LEU A 261 5.27 -15.84 9.14
C LEU A 261 5.82 -15.52 10.53
N LEU A 262 7.13 -15.31 10.59
CA LEU A 262 7.84 -14.80 11.77
C LEU A 262 8.66 -13.63 11.26
N PRO A 263 8.01 -12.49 10.95
CA PRO A 263 8.70 -11.37 10.30
C PRO A 263 9.78 -10.74 11.20
N ALA A 264 9.72 -10.99 12.50
CA ALA A 264 10.66 -10.40 13.49
C ALA A 264 11.18 -11.48 14.45
N GLY A 265 11.45 -12.69 13.95
CA GLY A 265 12.16 -13.72 14.72
C GLY A 265 11.24 -14.65 15.46
N ALA A 266 11.82 -15.72 16.01
CA ALA A 266 11.11 -16.91 16.50
C ALA A 266 10.16 -16.57 17.65
N GLN A 267 10.43 -15.52 18.43
CA GLN A 267 9.54 -15.13 19.55
C GLN A 267 8.93 -13.74 19.30
N GLY A 268 9.12 -13.14 18.11
CA GLY A 268 8.33 -11.96 17.72
C GLY A 268 6.90 -12.38 17.38
N PRO A 269 6.03 -11.47 16.89
CA PRO A 269 4.70 -11.85 16.45
C PRO A 269 4.75 -12.93 15.36
N ALA A 270 3.83 -13.88 15.46
CA ALA A 270 3.69 -15.04 14.55
C ALA A 270 2.31 -15.00 13.90
N PHE A 271 2.25 -15.36 12.63
CA PHE A 271 1.02 -15.39 11.84
C PHE A 271 0.92 -16.72 11.08
N LEU A 272 -0.25 -17.32 11.16
CA LEU A 272 -0.56 -18.42 10.22
C LEU A 272 -1.34 -17.83 9.05
N VAL A 273 -0.86 -18.05 7.83
CA VAL A 273 -1.47 -17.40 6.63
C VAL A 273 -1.93 -18.50 5.65
N TYR A 274 -3.14 -18.31 5.17
CA TYR A 274 -3.77 -19.18 4.16
C TYR A 274 -3.70 -18.53 2.78
N ARG A 275 -4.26 -19.21 1.80
CA ARG A 275 -4.32 -18.75 0.40
C ARG A 275 -4.92 -17.34 0.27
N ASN A 276 -5.91 -16.96 1.07
CA ASN A 276 -6.46 -15.59 0.99
C ASN A 276 -5.41 -14.54 1.37
N TYR A 277 -4.46 -14.85 2.27
CA TYR A 277 -3.34 -13.92 2.57
C TYR A 277 -2.52 -13.74 1.29
N ASP A 278 -2.26 -14.82 0.56
CA ASP A 278 -1.50 -14.74 -0.71
C ASP A 278 -2.24 -13.82 -1.70
N ALA A 279 -3.56 -13.87 -1.77
CA ALA A 279 -4.38 -12.97 -2.64
C ALA A 279 -4.15 -11.52 -2.23
N ILE A 280 -4.21 -11.25 -0.95
CA ILE A 280 -3.96 -9.88 -0.40
C ILE A 280 -2.53 -9.48 -0.75
N TYR A 281 -1.56 -10.36 -0.48
CA TYR A 281 -0.12 -10.07 -0.70
C TYR A 281 0.11 -9.61 -2.15
N SER A 282 -0.59 -10.16 -3.12
CA SER A 282 -0.39 -9.89 -4.56
C SER A 282 -0.68 -8.40 -4.87
N TYR A 283 -1.50 -7.74 -4.06
CA TYR A 283 -1.94 -6.36 -4.36
C TYR A 283 -0.73 -5.42 -4.39
N ASN A 284 0.17 -5.53 -3.39
CA ASN A 284 1.38 -4.67 -3.28
C ASN A 284 2.68 -5.47 -3.38
N ALA A 285 2.60 -6.80 -3.34
CA ALA A 285 3.79 -7.69 -3.29
C ALA A 285 4.76 -7.24 -2.20
N ALA A 286 4.27 -6.92 -1.00
CA ALA A 286 5.12 -6.47 0.13
C ALA A 286 4.41 -6.91 1.40
N GLU A 287 5.16 -7.55 2.28
CA GLU A 287 4.61 -8.03 3.57
C GLU A 287 4.04 -6.84 4.35
N SER A 288 4.71 -5.71 4.33
CA SER A 288 4.25 -4.51 5.07
C SER A 288 2.79 -4.22 4.73
N TYR A 289 2.45 -4.13 3.46
CA TYR A 289 1.10 -3.79 2.99
C TYR A 289 0.16 -4.96 3.23
N ALA A 290 0.64 -6.18 3.01
CA ALA A 290 -0.22 -7.39 3.09
C ALA A 290 -0.67 -7.56 4.55
N LEU A 291 0.28 -7.50 5.48
CA LEU A 291 -0.10 -7.65 6.91
C LEU A 291 -0.88 -6.43 7.37
N ALA A 292 -0.60 -5.21 6.86
CA ALA A 292 -1.43 -4.02 7.19
C ALA A 292 -2.90 -4.27 6.83
N ILE A 293 -3.16 -4.81 5.64
CA ILE A 293 -4.55 -5.09 5.20
C ILE A 293 -5.17 -6.14 6.10
N ALA A 294 -4.46 -7.23 6.33
CA ALA A 294 -4.95 -8.35 7.18
C ALA A 294 -5.22 -7.83 8.60
N LEU A 295 -4.27 -7.11 9.18
CA LEU A 295 -4.45 -6.65 10.59
C LEU A 295 -5.48 -5.53 10.65
N LEU A 296 -5.57 -4.67 9.65
CA LEU A 296 -6.65 -3.64 9.67
C LEU A 296 -8.00 -4.36 9.58
N SER A 297 -8.10 -5.39 8.74
CA SER A 297 -9.40 -6.11 8.61
C SER A 297 -9.78 -6.71 9.97
N ASP A 298 -8.81 -7.23 10.73
CA ASP A 298 -9.03 -7.76 12.12
C ASP A 298 -9.57 -6.64 13.03
N ARG A 299 -8.95 -5.45 13.02
CA ARG A 299 -9.43 -4.26 13.81
C ARG A 299 -10.85 -3.84 13.39
N LEU A 300 -11.15 -3.83 12.10
CA LEU A 300 -12.48 -3.39 11.61
C LEU A 300 -13.55 -4.41 12.04
N ARG A 301 -13.20 -5.69 12.20
CA ARG A 301 -14.12 -6.74 12.72
C ARG A 301 -14.26 -6.61 14.24
N GLY A 302 -13.60 -5.65 14.89
CA GLY A 302 -13.77 -5.41 16.35
C GLY A 302 -12.66 -6.05 17.14
N GLY A 303 -11.63 -6.59 16.47
CA GLY A 303 -10.43 -7.13 17.12
C GLY A 303 -9.67 -6.03 17.87
N SER A 304 -8.99 -6.38 18.96
CA SER A 304 -8.24 -5.40 19.78
C SER A 304 -6.86 -5.15 19.18
N GLY A 305 -6.43 -6.00 18.27
CA GLY A 305 -5.14 -5.86 17.59
C GLY A 305 -4.16 -6.92 18.02
N LEU A 306 -2.92 -6.75 17.57
CA LEU A 306 -1.79 -7.68 17.82
CA LEU A 306 -1.79 -7.69 17.79
C LEU A 306 -1.61 -7.92 19.31
N VAL A 307 -1.48 -9.17 19.72
CA VAL A 307 -1.31 -9.57 21.13
C VAL A 307 0.18 -9.52 21.45
N ALA A 308 1.01 -10.11 20.57
CA ALA A 308 2.47 -10.15 20.70
C ALA A 308 3.04 -8.76 20.43
N SER A 309 4.21 -8.47 20.99
CA SER A 309 4.91 -7.18 20.77
C SER A 309 6.03 -7.39 19.76
N TRP A 310 6.29 -6.35 18.98
CA TRP A 310 7.48 -6.33 18.11
C TRP A 310 8.74 -6.18 18.97
N PRO A 311 9.86 -6.80 18.54
CA PRO A 311 11.13 -6.79 19.26
C PRO A 311 11.87 -5.45 19.13
N THR A 312 11.36 -4.48 19.87
CA THR A 312 11.91 -3.11 19.91
C THR A 312 11.57 -2.50 21.25
N ASP A 313 12.38 -1.55 21.70
CA ASP A 313 12.05 -0.69 22.86
C ASP A 313 11.39 0.59 22.35
N ASP A 314 11.12 0.67 21.04
CA ASP A 314 10.79 1.91 20.34
C ASP A 314 9.64 1.62 19.39
N PRO A 315 8.41 1.43 19.89
CA PRO A 315 7.29 1.13 19.01
C PRO A 315 7.08 2.23 17.96
N GLY A 316 6.52 1.85 16.83
CA GLY A 316 6.11 2.81 15.80
C GLY A 316 5.03 3.76 16.32
N ILE A 317 4.83 4.87 15.61
CA ILE A 317 3.91 5.95 16.04
C ILE A 317 2.95 6.21 14.87
N SER A 318 1.79 6.74 15.19
CA SER A 318 0.68 7.00 14.24
C SER A 318 1.04 8.12 13.27
N ARG A 319 0.20 8.31 12.25
CA ARG A 319 0.38 9.43 11.30
C ARG A 319 0.26 10.75 12.07
N LEU A 320 -0.71 10.87 12.98
CA LEU A 320 -0.86 12.12 13.76
C LEU A 320 0.43 12.38 14.54
N GLU A 321 1.00 11.34 15.15
CA GLU A 321 2.20 11.47 16.01
C GLU A 321 3.41 11.81 15.15
N ARG A 322 3.45 11.38 13.89
CA ARG A 322 4.58 11.70 12.98
C ARG A 322 4.55 13.21 12.72
N LYS A 323 3.38 13.77 12.52
CA LYS A 323 3.21 15.23 12.33
C LYS A 323 3.69 15.94 13.60
N GLN A 324 3.33 15.42 14.78
CA GLN A 324 3.78 16.03 16.07
C GLN A 324 5.31 15.99 16.16
N LEU A 325 5.90 14.86 15.77
CA LEU A 325 7.37 14.71 15.80
C LEU A 325 8.00 15.70 14.82
N GLN A 326 7.41 15.86 13.63
CA GLN A 326 7.98 16.78 12.61
C GLN A 326 7.88 18.23 13.11
N LYS A 327 6.77 18.59 13.73
CA LYS A 327 6.59 19.95 14.32
C LYS A 327 7.66 20.14 15.41
N ALA A 328 7.92 19.10 16.22
CA ALA A 328 8.92 19.17 17.32
C ALA A 328 10.30 19.42 16.70
N LEU A 329 10.64 18.70 15.63
CA LEU A 329 11.95 18.89 14.94
C LEU A 329 12.07 20.30 14.35
N LEU A 330 11.05 20.80 13.69
CA LEU A 330 11.04 22.18 13.16
C LEU A 330 11.24 23.16 14.32
N ALA A 331 10.53 22.98 15.42
CA ALA A 331 10.64 23.84 16.60
C ALA A 331 12.08 23.83 17.14
N ARG A 332 12.84 22.76 16.92
CA ARG A 332 14.25 22.66 17.41
C ARG A 332 15.21 23.12 16.30
N GLY A 333 14.68 23.62 15.19
CA GLY A 333 15.48 24.31 14.17
C GLY A 333 15.97 23.36 13.11
N TYR A 334 15.37 22.18 12.96
CA TYR A 334 15.68 21.27 11.83
C TYR A 334 14.75 21.61 10.66
N ASP A 335 15.31 22.02 9.52
CA ASP A 335 14.53 22.47 8.34
C ASP A 335 14.17 21.23 7.53
N ILE A 336 13.16 20.47 7.95
CA ILE A 336 12.85 19.13 7.37
C ILE A 336 11.69 19.25 6.37
N GLY A 337 11.13 20.43 6.14
CA GLY A 337 9.97 20.61 5.24
C GLY A 337 8.65 20.68 6.01
N GLU A 338 7.54 20.50 5.31
CA GLU A 338 6.18 20.57 5.90
C GLU A 338 6.01 19.40 6.86
N ALA A 339 5.32 19.61 7.99
CA ALA A 339 4.94 18.53 8.92
C ALA A 339 3.74 17.76 8.32
N ASP A 340 3.95 17.00 7.24
CA ASP A 340 2.85 16.28 6.55
C ASP A 340 2.71 14.85 7.10
N GLY A 341 3.58 14.41 8.01
CA GLY A 341 3.54 13.06 8.59
C GLY A 341 4.27 12.03 7.74
N LEU A 342 4.88 12.44 6.63
CA LEU A 342 5.67 11.51 5.77
C LEU A 342 7.12 11.54 6.24
N ILE A 343 7.60 10.41 6.74
CA ILE A 343 8.95 10.31 7.35
C ILE A 343 9.95 9.97 6.23
N GLY A 344 10.49 11.00 5.60
CA GLY A 344 11.49 10.85 4.51
C GLY A 344 12.89 11.05 5.04
N THR A 345 13.88 11.05 4.13
CA THR A 345 15.32 11.19 4.48
C THR A 345 15.57 12.42 5.36
N SER A 346 15.02 13.59 5.02
CA SER A 346 15.33 14.83 5.77
CA SER A 346 15.30 14.84 5.77
C SER A 346 14.88 14.66 7.23
N THR A 347 13.71 14.06 7.44
CA THR A 347 13.22 13.84 8.82
C THR A 347 14.12 12.83 9.54
N ARG A 348 14.43 11.72 8.89
CA ARG A 348 15.22 10.64 9.51
C ARG A 348 16.62 11.14 9.84
N LYS A 349 17.20 12.02 9.04
CA LYS A 349 18.54 12.58 9.33
C LYS A 349 18.47 13.45 10.60
N ALA A 350 17.40 14.22 10.75
CA ALA A 350 17.20 15.08 11.94
C ALA A 350 16.97 14.19 13.15
N ILE A 351 16.20 13.12 13.01
CA ILE A 351 15.96 12.18 14.14
C ILE A 351 17.31 11.58 14.57
N GLN A 352 18.13 11.16 13.62
CA GLN A 352 19.40 10.48 13.94
C GLN A 352 20.30 11.46 14.72
N ALA A 353 20.35 12.72 14.30
CA ALA A 353 21.16 13.79 14.92
C ALA A 353 20.69 13.97 16.37
N GLU A 354 19.37 14.00 16.58
CA GLU A 354 18.79 14.11 17.94
C GLU A 354 19.08 12.86 18.77
N GLN A 355 18.97 11.67 18.19
CA GLN A 355 19.27 10.41 18.91
C GLN A 355 20.71 10.46 19.40
N LYS A 356 21.66 10.84 18.55
CA LYS A 356 23.10 10.87 18.93
C LYS A 356 23.32 11.92 20.02
N ARG A 357 22.70 13.07 19.86
CA ARG A 357 22.78 14.16 20.86
C ARG A 357 22.25 13.70 22.22
N LEU A 358 21.14 12.95 22.24
CA LEU A 358 20.44 12.55 23.48
C LEU A 358 20.99 11.23 24.05
N GLY A 359 21.91 10.57 23.34
CA GLY A 359 22.47 9.25 23.76
C GLY A 359 21.43 8.14 23.69
N LEU A 360 20.49 8.24 22.75
CA LEU A 360 19.51 7.16 22.49
C LEU A 360 20.16 6.18 21.52
N THR A 361 20.04 4.87 21.79
CA THR A 361 20.61 3.80 20.91
C THR A 361 19.52 2.78 20.64
N PRO A 362 19.43 2.22 19.43
CA PRO A 362 20.30 2.59 18.30
C PRO A 362 19.91 3.97 17.74
N ALA A 363 20.88 4.69 17.18
CA ALA A 363 20.65 5.96 16.46
C ALA A 363 20.22 5.62 15.03
N ASP A 364 19.04 5.02 14.89
CA ASP A 364 18.56 4.39 13.63
C ASP A 364 17.74 5.39 12.79
N GLY A 365 17.48 6.62 13.28
CA GLY A 365 16.68 7.61 12.56
C GLY A 365 15.21 7.23 12.47
N ARG A 366 14.76 6.29 13.31
CA ARG A 366 13.34 5.85 13.32
C ARG A 366 12.43 6.92 13.95
N ALA A 367 11.26 7.15 13.36
CA ALA A 367 10.16 7.90 13.99
C ALA A 367 9.43 7.00 14.97
N GLY A 368 10.02 6.76 16.12
CA GLY A 368 9.43 5.88 17.14
C GLY A 368 9.05 6.63 18.38
N ARG A 369 8.44 5.91 19.30
CA ARG A 369 7.91 6.47 20.56
C ARG A 369 9.05 7.12 21.36
N LYS A 370 10.26 6.56 21.35
CA LYS A 370 11.39 7.06 22.18
C LYS A 370 11.70 8.50 21.76
N ILE A 371 11.87 8.75 20.46
CA ILE A 371 12.24 10.11 20.02
C ILE A 371 11.02 11.03 20.15
N LEU A 372 9.80 10.55 19.91
CA LEU A 372 8.59 11.39 20.07
C LEU A 372 8.55 11.90 21.51
N GLU A 373 8.72 11.01 22.50
CA GLU A 373 8.54 11.41 23.93
C GLU A 373 9.69 12.34 24.31
N ALA A 374 10.90 12.10 23.80
CA ALA A 374 12.07 12.96 24.07
C ALA A 374 11.89 14.40 23.53
N LEU A 375 11.32 14.59 22.35
CA LEU A 375 11.37 15.90 21.63
C LEU A 375 10.06 16.68 21.68
N LYS A 376 8.92 16.07 21.99
CA LYS A 376 7.62 16.78 22.01
C LYS A 376 7.74 18.07 22.83
N GLY A 377 7.23 19.17 22.29
CA GLY A 377 7.11 20.45 23.01
C GLY A 377 5.66 20.70 23.38
N ALA A 378 5.35 21.95 23.70
CA ALA A 378 4.01 22.42 24.12
C ALA A 378 3.00 22.20 22.96
N GLN A 379 1.79 21.76 23.28
CA GLN A 379 0.64 21.73 22.34
C GLN A 379 1.01 20.94 21.08
N PRO A 380 1.42 19.66 21.24
CA PRO A 380 1.66 18.78 20.10
C PRO A 380 0.33 18.42 19.43
#